data_8RCQ
#
_entry.id   8RCQ
#
_cell.length_a   54.755
_cell.length_b   54.755
_cell.length_c   380.647
_cell.angle_alpha   90.00
_cell.angle_beta   90.00
_cell.angle_gamma   90.00
#
_symmetry.space_group_name_H-M   'P 41 21 2'
#
loop_
_entity.id
_entity.type
_entity.pdbx_description
1 polymer Nucleoprotein
2 polymer VHH
#
loop_
_entity_poly.entity_id
_entity_poly.type
_entity_poly.pdbx_seq_one_letter_code
_entity_poly.pdbx_strand_id
1 'polypeptide(L)'
;GSDENYRDIALAFLDESADSGTINAWVNEFAYQGFDPKRIVQLVKERGTAKGRDWKKDVKMMIVLNLVRGNKPEAMMKKM
SEKGASIVANLISVYQLKEGNPGRDTITLSRVSAAFVPWTVQALRVLSESLPVSGTTMDAIAGVTYPRAMMHPSFAGIID
LDLPNGAGATIADAHGLFMIEFSKTINPSLRTKQANEVAATFEKPNMAAMSGRFFTREDKKKLLIAVGIIDEDLVLASAV
VRSAEKYRAKVGK
;
A
2 'polypeptide(L)'
;MGQVQLVESGGGSVQAGGSLRLSCAASGDAGRRYCMAWFRQAPGKEREGVAFISTANGRTDYVDSVKGRFTISQNSAKNT
VYLQMNSLKPEDTAMYYCASRGYGYLSCSSYSLAAYNYWGQGTQVTVSSLEHHHHHH
;
B
#
# COMPACT_ATOMS: atom_id res chain seq x y z
N GLU A 4 17.17 -45.95 -14.69
CA GLU A 4 16.01 -45.53 -15.45
C GLU A 4 16.42 -44.78 -16.72
N ASN A 5 15.51 -44.74 -17.69
CA ASN A 5 15.74 -44.05 -18.95
C ASN A 5 15.18 -42.63 -18.84
N TYR A 6 16.04 -41.63 -19.04
CA TYR A 6 15.65 -40.25 -18.85
C TYR A 6 15.15 -39.60 -20.12
N ARG A 7 15.51 -40.12 -21.29
CA ARG A 7 14.91 -39.67 -22.53
C ARG A 7 13.40 -39.93 -22.54
N ASP A 8 12.98 -41.09 -22.03
CA ASP A 8 11.56 -41.37 -21.94
C ASP A 8 10.87 -40.48 -20.92
N ILE A 9 11.61 -39.99 -19.92
CA ILE A 9 11.02 -39.11 -18.91
C ILE A 9 10.71 -37.75 -19.52
N ALA A 10 11.69 -37.17 -20.23
CA ALA A 10 11.45 -35.90 -20.89
C ALA A 10 10.44 -36.05 -22.04
N LEU A 11 10.43 -37.21 -22.71
CA LEU A 11 9.50 -37.41 -23.80
C LEU A 11 8.05 -37.41 -23.31
N ALA A 12 7.82 -37.85 -22.07
CA ALA A 12 6.47 -37.91 -21.53
C ALA A 12 5.85 -36.53 -21.36
N PHE A 13 6.66 -35.46 -21.39
CA PHE A 13 6.12 -34.12 -21.27
C PHE A 13 5.33 -33.69 -22.49
N LEU A 14 5.50 -34.38 -23.61
CA LEU A 14 4.63 -34.13 -24.77
C LEU A 14 3.19 -34.51 -24.45
N ASP A 15 2.99 -35.54 -23.63
CA ASP A 15 1.66 -35.98 -23.23
C ASP A 15 1.27 -35.49 -21.84
N GLU A 16 1.67 -34.27 -21.50
CA GLU A 16 1.30 -33.65 -20.23
C GLU A 16 0.52 -32.37 -20.50
N SER A 17 -0.35 -32.02 -19.55
CA SER A 17 -1.28 -30.92 -19.74
C SER A 17 -0.56 -29.59 -19.93
N ALA A 18 -0.84 -28.92 -21.05
CA ALA A 18 -0.43 -27.54 -21.24
C ALA A 18 -1.66 -26.64 -21.09
N ASP A 19 -2.28 -26.69 -19.92
CA ASP A 19 -3.56 -26.01 -19.71
C ASP A 19 -3.39 -24.50 -19.83
N SER A 20 -4.18 -23.90 -20.73
CA SER A 20 -4.10 -22.46 -20.95
C SER A 20 -4.49 -21.67 -19.71
N GLY A 21 -5.44 -22.19 -18.93
CA GLY A 21 -5.86 -21.48 -17.73
C GLY A 21 -4.80 -21.49 -16.65
N THR A 22 -4.19 -22.66 -16.41
CA THR A 22 -3.17 -22.76 -15.36
C THR A 22 -1.87 -22.08 -15.78
N ILE A 23 -1.52 -22.12 -17.06
CA ILE A 23 -0.29 -21.50 -17.53
C ILE A 23 -0.36 -19.98 -17.34
N ASN A 24 -1.45 -19.37 -17.78
CA ASN A 24 -1.60 -17.93 -17.61
C ASN A 24 -1.69 -17.53 -16.15
N ALA A 25 -2.08 -18.45 -15.26
CA ALA A 25 -2.11 -18.14 -13.83
C ALA A 25 -0.71 -18.10 -13.24
N TRP A 26 0.17 -18.99 -13.69
CA TRP A 26 1.55 -19.00 -13.20
C TRP A 26 2.31 -17.75 -13.62
N VAL A 27 2.03 -17.22 -14.81
CA VAL A 27 2.78 -16.07 -15.29
C VAL A 27 2.31 -14.77 -14.64
N ASN A 28 1.06 -14.73 -14.17
CA ASN A 28 0.56 -13.53 -13.52
C ASN A 28 1.20 -13.33 -12.15
N GLU A 29 1.55 -14.42 -11.47
CA GLU A 29 2.10 -14.31 -10.13
C GLU A 29 3.58 -13.98 -10.14
N PHE A 30 4.34 -14.59 -11.07
CA PHE A 30 5.75 -14.26 -11.24
C PHE A 30 5.84 -13.01 -12.10
N ALA A 31 5.56 -11.88 -11.48
CA ALA A 31 5.51 -10.58 -12.15
C ALA A 31 6.67 -9.71 -11.69
N TYR A 32 6.94 -8.68 -12.48
CA TYR A 32 8.04 -7.75 -12.19
C TYR A 32 7.72 -6.87 -10.99
N PHE A 35 10.18 -0.35 -8.70
CA PHE A 35 10.38 -0.68 -10.10
C PHE A 35 11.57 0.07 -10.71
N ASP A 36 11.24 1.13 -11.45
CA ASP A 36 12.29 1.84 -12.19
C ASP A 36 11.75 3.20 -12.59
N PRO A 37 12.19 4.30 -11.95
CA PRO A 37 11.78 5.64 -12.37
C PRO A 37 12.80 6.31 -13.29
N LYS A 38 14.05 6.41 -12.83
CA LYS A 38 15.11 7.11 -13.60
C LYS A 38 15.24 6.57 -15.01
N ARG A 39 15.31 5.25 -15.18
CA ARG A 39 15.59 4.74 -16.52
C ARG A 39 14.44 4.99 -17.48
N ILE A 40 13.21 5.05 -16.96
CA ILE A 40 12.06 5.34 -17.82
C ILE A 40 12.16 6.76 -18.37
N VAL A 41 12.65 7.70 -17.55
CA VAL A 41 12.78 9.08 -18.01
C VAL A 41 13.87 9.18 -19.07
N GLN A 42 14.99 8.47 -18.88
CA GLN A 42 16.08 8.54 -19.84
C GLN A 42 15.70 7.91 -21.17
N LEU A 43 15.02 6.76 -21.13
CA LEU A 43 14.67 6.06 -22.37
C LEU A 43 13.65 6.86 -23.18
N VAL A 44 12.73 7.54 -22.51
CA VAL A 44 11.73 8.33 -23.24
C VAL A 44 12.39 9.55 -23.90
N LYS A 45 13.29 10.23 -23.18
CA LYS A 45 13.94 11.40 -23.74
C LYS A 45 14.88 11.01 -24.87
N GLU A 46 15.65 9.93 -24.69
CA GLU A 46 16.63 9.54 -25.70
C GLU A 46 15.95 9.06 -26.98
N ARG A 47 14.96 8.18 -26.85
CA ARG A 47 14.26 7.70 -28.04
C ARG A 47 13.37 8.77 -28.66
N GLY A 48 12.88 9.70 -27.85
CA GLY A 48 12.05 10.78 -28.39
C GLY A 48 12.86 11.77 -29.22
N THR A 49 14.02 12.17 -28.73
CA THR A 49 14.86 13.10 -29.47
C THR A 49 15.58 12.43 -30.64
N ALA A 50 15.90 11.13 -30.52
CA ALA A 50 16.51 10.43 -31.64
C ALA A 50 15.57 10.36 -32.83
N LYS A 51 14.26 10.37 -32.58
CA LYS A 51 13.26 10.48 -33.64
C LYS A 51 12.81 11.92 -33.87
N GLY A 52 13.51 12.89 -33.29
CA GLY A 52 13.22 14.30 -33.53
C GLY A 52 11.80 14.70 -33.16
N ARG A 53 11.39 14.38 -31.95
CA ARG A 53 10.04 14.66 -31.47
C ARG A 53 10.10 15.57 -30.27
N ASP A 54 8.99 16.27 -30.02
CA ASP A 54 8.84 17.04 -28.79
C ASP A 54 8.39 16.06 -27.71
N TRP A 55 9.37 15.30 -27.21
CA TRP A 55 9.09 14.24 -26.24
C TRP A 55 8.41 14.77 -24.99
N LYS A 56 8.66 16.03 -24.65
CA LYS A 56 7.92 16.67 -23.56
C LYS A 56 6.43 16.67 -23.86
N LYS A 57 6.05 17.09 -25.06
CA LYS A 57 4.66 17.03 -25.49
C LYS A 57 4.17 15.58 -25.57
N ASP A 58 5.05 14.67 -25.95
CA ASP A 58 4.67 13.26 -26.03
C ASP A 58 4.40 12.69 -24.63
N VAL A 59 5.25 13.03 -23.66
CA VAL A 59 5.02 12.59 -22.29
C VAL A 59 3.64 13.01 -21.81
N LYS A 60 3.27 14.27 -22.08
CA LYS A 60 1.94 14.74 -21.72
C LYS A 60 0.86 13.90 -22.39
N MET A 61 1.05 13.54 -23.65
CA MET A 61 0.04 12.76 -24.36
C MET A 61 0.01 11.32 -23.87
N MET A 62 1.16 10.71 -23.65
CA MET A 62 1.19 9.36 -23.11
C MET A 62 0.59 9.30 -21.71
N ILE A 63 0.72 10.38 -20.94
CA ILE A 63 0.14 10.44 -19.60
C ILE A 63 -1.39 10.51 -19.70
N VAL A 64 -1.90 11.44 -20.49
CA VAL A 64 -3.35 11.57 -20.65
C VAL A 64 -3.95 10.32 -21.26
N LEU A 65 -3.21 9.67 -22.17
CA LEU A 65 -3.72 8.43 -22.76
C LEU A 65 -3.78 7.31 -21.73
N ASN A 66 -2.82 7.29 -20.80
CA ASN A 66 -2.81 6.26 -19.76
C ASN A 66 -3.91 6.50 -18.73
N LEU A 67 -4.30 7.76 -18.50
CA LEU A 67 -5.30 8.07 -17.49
C LEU A 67 -6.71 7.74 -17.96
N VAL A 68 -6.96 7.77 -19.27
CA VAL A 68 -8.31 7.65 -19.80
C VAL A 68 -8.57 6.31 -20.48
N ARG A 69 -7.53 5.58 -20.88
CA ARG A 69 -7.72 4.31 -21.58
C ARG A 69 -6.99 3.13 -20.95
N GLY A 70 -5.95 3.35 -20.15
CA GLY A 70 -5.33 2.25 -19.44
C GLY A 70 -3.90 1.93 -19.84
N ASN A 71 -3.55 0.66 -19.79
CA ASN A 71 -2.18 0.21 -20.02
C ASN A 71 -2.08 -0.79 -21.17
N LYS A 72 -3.10 -0.86 -22.03
CA LYS A 72 -3.12 -1.78 -23.17
C LYS A 72 -3.20 -0.95 -24.45
N PRO A 73 -2.05 -0.43 -24.93
CA PRO A 73 -2.09 0.43 -26.11
C PRO A 73 -2.64 -0.25 -27.35
N GLU A 74 -2.31 -1.53 -27.58
CA GLU A 74 -2.80 -2.21 -28.77
C GLU A 74 -4.30 -2.45 -28.70
N ALA A 75 -4.86 -2.56 -27.48
CA ALA A 75 -6.28 -2.84 -27.34
C ALA A 75 -7.11 -1.56 -27.45
N MET A 76 -6.66 -0.46 -26.84
CA MET A 76 -7.40 0.79 -26.93
C MET A 76 -7.39 1.35 -28.35
N MET A 77 -6.38 1.02 -29.14
CA MET A 77 -6.31 1.53 -30.51
C MET A 77 -7.40 0.96 -31.40
N LYS A 78 -8.00 -0.17 -31.01
CA LYS A 78 -9.09 -0.76 -31.79
C LYS A 78 -10.45 -0.15 -31.47
N LYS A 79 -10.53 0.70 -30.45
CA LYS A 79 -11.75 1.41 -30.10
C LYS A 79 -11.45 2.91 -29.97
N MET A 80 -10.98 3.50 -31.06
CA MET A 80 -10.60 4.90 -31.06
C MET A 80 -10.68 5.44 -32.48
N SER A 81 -10.91 6.75 -32.57
CA SER A 81 -10.92 7.42 -33.87
C SER A 81 -9.54 7.30 -34.53
N GLU A 82 -9.54 7.31 -35.86
CA GLU A 82 -8.28 7.27 -36.61
C GLU A 82 -7.39 8.45 -36.25
N LYS A 83 -7.99 9.59 -35.88
CA LYS A 83 -7.21 10.74 -35.45
C LYS A 83 -6.38 10.40 -34.21
N GLY A 84 -7.01 9.80 -33.21
CA GLY A 84 -6.26 9.40 -32.03
C GLY A 84 -5.43 8.15 -32.27
N ALA A 85 -5.96 7.20 -33.04
CA ALA A 85 -5.26 5.94 -33.26
C ALA A 85 -3.94 6.16 -34.01
N SER A 86 -3.88 7.18 -34.86
CA SER A 86 -2.63 7.47 -35.57
C SER A 86 -1.58 8.02 -34.61
N ILE A 87 -2.00 8.87 -33.67
CA ILE A 87 -1.06 9.38 -32.68
C ILE A 87 -0.58 8.26 -31.75
N VAL A 88 -1.46 7.32 -31.44
CA VAL A 88 -1.06 6.18 -30.60
C VAL A 88 0.01 5.36 -31.31
N ALA A 89 -0.21 5.05 -32.59
CA ALA A 89 0.77 4.28 -33.35
C ALA A 89 2.11 5.00 -33.45
N ASN A 90 2.08 6.34 -33.46
CA ASN A 90 3.34 7.10 -33.50
C ASN A 90 4.11 6.92 -32.19
N LEU A 91 3.44 7.09 -31.06
CA LEU A 91 4.11 7.01 -29.77
C LEU A 91 4.55 5.60 -29.43
N ILE A 92 3.85 4.60 -29.96
CA ILE A 92 4.28 3.21 -29.77
C ILE A 92 5.59 2.95 -30.52
N SER A 93 5.75 3.56 -31.69
CA SER A 93 6.94 3.30 -32.49
C SER A 93 8.17 3.94 -31.86
N VAL A 94 8.10 5.24 -31.58
CA VAL A 94 9.26 5.99 -31.10
C VAL A 94 9.68 5.52 -29.71
N TYR A 95 8.72 5.21 -28.83
CA TYR A 95 9.04 4.86 -27.46
C TYR A 95 8.96 3.36 -27.17
N GLN A 96 8.62 2.55 -28.17
CA GLN A 96 8.59 1.09 -28.03
C GLN A 96 7.73 0.66 -26.85
N LEU A 97 6.51 1.19 -26.80
CA LEU A 97 5.60 0.92 -25.70
C LEU A 97 5.14 -0.53 -25.72
N LYS A 98 4.85 -1.06 -24.53
CA LYS A 98 4.38 -2.43 -24.38
C LYS A 98 3.09 -2.45 -23.56
N GLU A 99 2.48 -3.63 -23.49
CA GLU A 99 1.13 -3.79 -22.96
C GLU A 99 1.09 -4.02 -21.45
N GLY A 100 2.24 -4.10 -20.79
CA GLY A 100 2.30 -4.39 -19.37
C GLY A 100 3.32 -5.45 -19.06
N ASN A 101 3.43 -5.78 -17.77
CA ASN A 101 4.45 -6.69 -17.27
C ASN A 101 5.82 -6.20 -17.73
N PRO A 102 6.31 -5.10 -17.18
CA PRO A 102 7.49 -4.45 -17.74
C PRO A 102 8.79 -5.13 -17.31
N GLY A 103 9.82 -4.89 -18.11
CA GLY A 103 11.16 -5.36 -17.82
C GLY A 103 12.05 -4.25 -17.30
N ARG A 104 13.36 -4.44 -17.47
CA ARG A 104 14.30 -3.43 -17.00
C ARG A 104 14.29 -2.20 -17.90
N ASP A 105 14.23 -2.40 -19.22
CA ASP A 105 14.26 -1.31 -20.18
C ASP A 105 12.94 -1.14 -20.92
N THR A 106 11.86 -1.72 -20.40
CA THR A 106 10.55 -1.63 -21.02
C THR A 106 9.85 -0.37 -20.57
N ILE A 107 9.16 0.28 -21.51
CA ILE A 107 8.37 1.47 -21.24
C ILE A 107 6.91 1.13 -21.43
N THR A 108 6.09 1.43 -20.42
CA THR A 108 4.66 1.24 -20.47
C THR A 108 3.95 2.55 -20.14
N LEU A 109 2.68 2.65 -20.56
CA LEU A 109 1.92 3.85 -20.27
C LEU A 109 1.75 4.08 -18.78
N SER A 110 1.67 3.00 -17.99
CA SER A 110 1.56 3.15 -16.55
C SER A 110 2.87 3.66 -15.96
N ARG A 111 4.01 3.17 -16.44
CA ARG A 111 5.28 3.60 -15.90
C ARG A 111 5.61 5.04 -16.30
N VAL A 112 5.09 5.51 -17.42
CA VAL A 112 5.29 6.90 -17.82
C VAL A 112 4.53 7.83 -16.87
N SER A 113 3.26 7.50 -16.58
CA SER A 113 2.48 8.31 -15.65
C SER A 113 3.08 8.28 -14.26
N ALA A 114 3.78 7.21 -13.90
CA ALA A 114 4.36 7.10 -12.57
C ALA A 114 5.65 7.89 -12.46
N ALA A 115 6.57 7.69 -13.40
CA ALA A 115 7.84 8.41 -13.38
C ALA A 115 7.62 9.90 -13.58
N PHE A 116 6.65 10.27 -14.43
CA PHE A 116 6.31 11.66 -14.68
C PHE A 116 5.07 12.09 -13.92
N VAL A 117 4.94 11.66 -12.67
CA VAL A 117 3.78 11.95 -11.85
C VAL A 117 3.61 13.44 -11.54
N PRO A 118 4.66 14.27 -11.43
CA PRO A 118 4.42 15.69 -11.17
C PRO A 118 3.50 16.36 -12.18
N TRP A 119 3.40 15.84 -13.41
CA TRP A 119 2.42 16.36 -14.36
C TRP A 119 1.10 15.62 -14.31
N THR A 120 1.12 14.34 -13.95
CA THR A 120 -0.13 13.60 -13.78
C THR A 120 -1.00 14.26 -12.71
N VAL A 121 -0.38 14.73 -11.63
CA VAL A 121 -1.12 15.32 -10.52
C VAL A 121 -1.79 16.64 -10.93
N GLN A 122 -1.29 17.30 -11.97
CA GLN A 122 -1.93 18.52 -12.47
C GLN A 122 -2.95 18.22 -13.56
N ALA A 123 -2.77 17.13 -14.29
CA ALA A 123 -3.78 16.70 -15.26
C ALA A 123 -5.00 16.11 -14.59
N LEU A 124 -4.87 15.65 -13.34
CA LEU A 124 -6.02 15.15 -12.60
C LEU A 124 -6.98 16.27 -12.24
N ARG A 125 -6.48 17.50 -12.13
CA ARG A 125 -7.34 18.65 -11.86
C ARG A 125 -8.36 18.86 -12.98
N VAL A 126 -8.02 18.46 -14.19
CA VAL A 126 -8.88 18.71 -15.34
C VAL A 126 -9.62 17.45 -15.80
N LEU A 127 -9.14 16.26 -15.43
CA LEU A 127 -9.67 15.00 -15.97
C LEU A 127 -10.52 14.23 -14.96
N SER A 128 -10.89 14.84 -13.84
CA SER A 128 -11.62 14.12 -12.80
C SER A 128 -12.93 13.53 -13.32
N GLU A 129 -13.61 14.22 -14.22
CA GLU A 129 -14.89 13.76 -14.73
C GLU A 129 -14.75 12.81 -15.92
N SER A 130 -13.53 12.56 -16.39
CA SER A 130 -13.29 11.73 -17.56
C SER A 130 -12.54 10.45 -17.23
N LEU A 131 -12.26 10.20 -15.95
CA LEU A 131 -11.53 9.01 -15.54
C LEU A 131 -12.45 7.81 -15.46
N PRO A 132 -11.88 6.60 -15.41
CA PRO A 132 -12.72 5.41 -15.19
C PRO A 132 -13.61 5.49 -13.96
N VAL A 133 -13.09 6.01 -12.86
CA VAL A 133 -13.88 6.33 -11.68
C VAL A 133 -13.95 7.85 -11.60
N SER A 134 -15.13 8.39 -11.85
CA SER A 134 -15.29 9.84 -11.96
C SER A 134 -15.01 10.53 -10.64
N GLY A 135 -14.67 11.82 -10.71
CA GLY A 135 -14.41 12.60 -9.52
C GLY A 135 -15.66 12.80 -8.67
N THR A 136 -16.83 12.90 -9.31
CA THR A 136 -18.06 13.01 -8.54
C THR A 136 -18.37 11.73 -7.78
N THR A 137 -18.02 10.58 -8.35
CA THR A 137 -18.20 9.32 -7.64
C THR A 137 -17.35 9.28 -6.37
N MET A 138 -16.09 9.71 -6.47
CA MET A 138 -15.25 9.77 -5.28
C MET A 138 -15.72 10.88 -4.34
N ASP A 139 -16.37 11.92 -4.88
CA ASP A 139 -17.01 12.91 -4.04
C ASP A 139 -18.21 12.35 -3.29
N ALA A 140 -18.74 11.21 -3.75
CA ALA A 140 -19.84 10.55 -3.05
C ALA A 140 -19.35 9.50 -2.07
N ILE A 141 -18.24 8.82 -2.37
CA ILE A 141 -17.70 7.83 -1.45
C ILE A 141 -17.22 8.50 -0.18
N ALA A 142 -16.41 9.56 -0.31
CA ALA A 142 -16.06 10.39 0.83
C ALA A 142 -17.11 11.45 1.04
N GLY A 143 -17.27 11.86 2.30
CA GLY A 143 -18.27 12.85 2.64
C GLY A 143 -17.95 14.25 2.19
N VAL A 144 -16.86 14.43 1.46
CA VAL A 144 -16.39 15.73 1.01
C VAL A 144 -15.99 15.64 -0.45
N THR A 145 -15.34 16.69 -0.95
CA THR A 145 -14.77 16.69 -2.29
C THR A 145 -13.40 16.03 -2.25
N TYR A 146 -13.31 14.80 -2.74
CA TYR A 146 -12.07 14.04 -2.65
C TYR A 146 -10.97 14.74 -3.44
N PRO A 147 -9.76 14.88 -2.88
CA PRO A 147 -8.69 15.59 -3.58
C PRO A 147 -8.41 15.00 -4.95
N ARG A 148 -8.52 15.84 -5.98
CA ARG A 148 -8.29 15.37 -7.34
C ARG A 148 -6.87 14.86 -7.54
N ALA A 149 -5.93 15.40 -6.77
CA ALA A 149 -4.53 14.96 -6.82
C ALA A 149 -4.34 13.50 -6.46
N MET A 150 -5.36 12.86 -5.87
CA MET A 150 -5.22 11.51 -5.32
C MET A 150 -5.86 10.44 -6.19
N MET A 151 -6.40 10.80 -7.35
CA MET A 151 -7.21 9.87 -8.13
C MET A 151 -6.39 9.14 -9.19
N HIS A 152 -5.24 8.60 -8.79
CA HIS A 152 -4.44 7.68 -9.58
C HIS A 152 -3.35 7.07 -8.70
N PRO A 153 -3.03 5.79 -8.89
CA PRO A 153 -1.99 5.16 -8.05
C PRO A 153 -0.66 5.89 -8.05
N SER A 154 -0.30 6.58 -9.14
CA SER A 154 1.00 7.25 -9.22
C SER A 154 1.17 8.31 -8.13
N PHE A 155 0.08 8.73 -7.50
CA PHE A 155 0.18 9.70 -6.41
C PHE A 155 1.00 9.16 -5.24
N ALA A 156 1.12 7.84 -5.11
CA ALA A 156 1.87 7.26 -4.00
C ALA A 156 3.37 7.50 -4.12
N GLY A 157 3.86 7.83 -5.31
CA GLY A 157 5.28 8.12 -5.49
C GLY A 157 5.73 9.43 -4.85
N ILE A 158 4.78 10.26 -4.41
CA ILE A 158 5.08 11.54 -3.80
C ILE A 158 4.64 11.58 -2.34
N ILE A 159 4.40 10.42 -1.75
CA ILE A 159 3.92 10.31 -0.38
C ILE A 159 5.09 9.93 0.52
N ASP A 160 5.43 10.83 1.43
CA ASP A 160 6.47 10.60 2.42
C ASP A 160 5.80 10.10 3.70
N LEU A 161 5.88 8.79 3.93
CA LEU A 161 5.30 8.21 5.15
C LEU A 161 5.95 8.78 6.39
N ASP A 162 7.19 9.23 6.29
CA ASP A 162 7.95 9.77 7.41
C ASP A 162 7.62 11.24 7.70
N LEU A 163 6.50 11.75 7.20
CA LEU A 163 6.11 13.11 7.53
C LEU A 163 5.62 13.18 8.97
N PRO A 164 5.87 14.29 9.66
CA PRO A 164 5.54 14.38 11.08
C PRO A 164 4.06 14.16 11.37
N ASN A 165 3.78 13.69 12.58
CA ASN A 165 2.44 13.44 13.09
C ASN A 165 1.66 12.44 12.24
N GLY A 166 2.38 11.53 11.57
CA GLY A 166 1.73 10.52 10.75
C GLY A 166 0.95 11.03 9.57
N ALA A 167 1.11 12.31 9.20
CA ALA A 167 0.33 12.81 8.07
C ALA A 167 0.67 12.06 6.78
N GLY A 168 1.91 11.60 6.64
CA GLY A 168 2.26 10.80 5.48
C GLY A 168 1.51 9.48 5.45
N ALA A 169 1.27 8.89 6.62
CA ALA A 169 0.45 7.71 6.70
C ALA A 169 -1.03 8.04 6.57
N THR A 170 -1.44 9.25 7.00
CA THR A 170 -2.82 9.67 6.84
C THR A 170 -3.14 9.91 5.37
N ILE A 171 -2.25 10.61 4.66
CA ILE A 171 -2.39 10.79 3.22
C ILE A 171 -2.46 9.43 2.54
N ALA A 172 -1.60 8.51 2.95
CA ALA A 172 -1.62 7.15 2.40
C ALA A 172 -2.97 6.50 2.64
N ASP A 173 -3.49 6.57 3.87
CA ASP A 173 -4.80 6.02 4.17
C ASP A 173 -5.88 6.73 3.35
N ALA A 174 -5.80 8.06 3.25
CA ALA A 174 -6.75 8.79 2.43
C ALA A 174 -6.63 8.38 0.97
N HIS A 175 -5.40 8.17 0.49
CA HIS A 175 -5.21 7.71 -0.88
C HIS A 175 -5.83 6.33 -1.08
N GLY A 176 -5.78 5.48 -0.06
CA GLY A 176 -6.29 4.12 -0.19
C GLY A 176 -7.78 4.05 -0.41
N LEU A 177 -8.53 5.05 0.05
CA LEU A 177 -9.97 5.07 -0.17
C LEU A 177 -10.29 5.10 -1.66
N PHE A 178 -9.46 5.76 -2.46
CA PHE A 178 -9.61 5.71 -3.91
C PHE A 178 -9.05 4.42 -4.50
N MET A 179 -7.94 3.93 -3.94
CA MET A 179 -7.24 2.78 -4.52
C MET A 179 -8.14 1.54 -4.56
N ILE A 180 -8.97 1.35 -3.53
CA ILE A 180 -9.79 0.15 -3.48
C ILE A 180 -10.84 0.17 -4.58
N GLU A 181 -11.43 1.32 -4.85
CA GLU A 181 -12.47 1.41 -5.86
C GLU A 181 -11.88 1.39 -7.27
N PHE A 182 -10.66 1.88 -7.42
CA PHE A 182 -9.96 1.75 -8.70
C PHE A 182 -9.66 0.29 -9.02
N SER A 183 -9.21 -0.47 -8.02
CA SER A 183 -8.91 -1.87 -8.24
C SER A 183 -10.16 -2.70 -8.51
N LYS A 184 -11.29 -2.31 -7.92
CA LYS A 184 -12.54 -3.03 -8.18
C LYS A 184 -13.00 -2.85 -9.62
N THR A 185 -12.76 -1.68 -10.21
CA THR A 185 -13.23 -1.42 -11.56
C THR A 185 -12.40 -2.16 -12.60
N ILE A 186 -11.08 -2.23 -12.41
CA ILE A 186 -10.23 -2.85 -13.42
C ILE A 186 -10.14 -4.36 -13.27
N ASN A 187 -10.49 -4.90 -12.10
CA ASN A 187 -10.48 -6.35 -11.87
C ASN A 187 -11.89 -6.73 -11.43
N PRO A 188 -12.74 -7.18 -12.35
CA PRO A 188 -14.14 -7.49 -11.98
C PRO A 188 -14.27 -8.56 -10.91
N SER A 189 -13.28 -9.43 -10.74
CA SER A 189 -13.37 -10.46 -9.72
C SER A 189 -13.30 -9.89 -8.31
N LEU A 190 -12.82 -8.66 -8.15
CA LEU A 190 -12.70 -8.03 -6.85
C LEU A 190 -13.93 -7.22 -6.47
N ARG A 191 -14.94 -7.17 -7.33
CA ARG A 191 -16.13 -6.36 -7.05
C ARG A 191 -17.02 -6.98 -5.99
N THR A 192 -16.89 -8.28 -5.73
CA THR A 192 -17.65 -8.94 -4.68
C THR A 192 -16.85 -9.11 -3.39
N LYS A 193 -15.56 -8.79 -3.40
CA LYS A 193 -14.73 -8.90 -2.20
C LYS A 193 -14.99 -7.72 -1.26
N GLN A 194 -14.50 -7.86 -0.03
CA GLN A 194 -14.66 -6.83 0.97
C GLN A 194 -13.64 -5.72 0.78
N ALA A 195 -13.83 -4.63 1.53
CA ALA A 195 -12.94 -3.48 1.40
C ALA A 195 -11.52 -3.82 1.82
N ASN A 196 -11.37 -4.63 2.87
CA ASN A 196 -10.04 -5.02 3.32
C ASN A 196 -9.41 -6.08 2.41
N GLU A 197 -10.23 -6.90 1.75
CA GLU A 197 -9.68 -7.88 0.82
C GLU A 197 -9.11 -7.21 -0.42
N VAL A 198 -9.75 -6.13 -0.89
CA VAL A 198 -9.21 -5.39 -2.02
C VAL A 198 -7.98 -4.59 -1.58
N ALA A 199 -7.95 -4.15 -0.32
CA ALA A 199 -6.82 -3.36 0.16
C ALA A 199 -5.53 -4.18 0.15
N ALA A 200 -5.59 -5.43 0.60
CA ALA A 200 -4.42 -6.28 0.65
C ALA A 200 -3.88 -6.64 -0.73
N THR A 201 -4.62 -6.37 -1.79
CA THR A 201 -4.17 -6.70 -3.14
C THR A 201 -3.19 -5.69 -3.71
N PHE A 202 -3.23 -4.45 -3.24
CA PHE A 202 -2.38 -3.40 -3.80
C PHE A 202 -1.40 -2.79 -2.82
N GLU A 203 -1.51 -3.06 -1.52
CA GLU A 203 -0.68 -2.33 -0.57
C GLU A 203 0.79 -2.72 -0.64
N LYS A 204 1.18 -3.67 -1.49
CA LYS A 204 2.59 -4.06 -1.53
C LYS A 204 3.36 -3.26 -2.58
N PRO A 205 2.93 -3.22 -3.84
CA PRO A 205 3.63 -2.34 -4.80
C PRO A 205 3.36 -0.88 -4.55
N ASN A 206 2.17 -0.54 -4.06
CA ASN A 206 1.88 0.84 -3.69
C ASN A 206 2.79 1.29 -2.55
N MET A 207 3.10 0.38 -1.62
CA MET A 207 4.01 0.70 -0.53
C MET A 207 5.42 0.98 -1.06
N ALA A 208 5.92 0.10 -1.95
CA ALA A 208 7.26 0.28 -2.49
C ALA A 208 7.40 1.62 -3.19
N ALA A 209 6.31 2.15 -3.75
CA ALA A 209 6.35 3.47 -4.35
C ALA A 209 6.55 4.54 -3.28
N MET A 210 5.79 4.46 -2.18
CA MET A 210 5.91 5.45 -1.12
C MET A 210 7.30 5.41 -0.50
N SER A 211 7.86 4.22 -0.32
CA SER A 211 9.20 4.06 0.22
C SER A 211 10.29 4.31 -0.83
N GLY A 212 9.91 4.61 -2.07
CA GLY A 212 10.90 4.91 -3.08
C GLY A 212 11.70 6.15 -2.73
N ARG A 213 12.94 6.19 -3.20
CA ARG A 213 13.85 7.29 -2.92
C ARG A 213 14.21 8.09 -4.18
N PHE A 214 13.46 7.89 -5.27
CA PHE A 214 13.64 8.74 -6.44
C PHE A 214 13.45 10.21 -6.07
N PHE A 215 12.36 10.51 -5.39
CA PHE A 215 12.12 11.84 -4.83
C PHE A 215 12.56 11.86 -3.38
N THR A 216 13.09 12.99 -2.94
CA THR A 216 13.45 13.12 -1.53
C THR A 216 12.21 13.48 -0.71
N ARG A 217 12.38 13.47 0.61
CA ARG A 217 11.31 13.91 1.50
C ARG A 217 10.92 15.35 1.19
N GLU A 218 11.91 16.17 0.84
CA GLU A 218 11.65 17.59 0.60
C GLU A 218 10.97 17.82 -0.74
N ASP A 219 11.21 16.94 -1.71
CA ASP A 219 10.53 17.06 -3.00
C ASP A 219 9.05 16.74 -2.86
N LYS A 220 8.75 15.58 -2.26
CA LYS A 220 7.36 15.20 -2.00
C LYS A 220 6.66 16.25 -1.15
N LYS A 221 7.39 16.87 -0.22
CA LYS A 221 6.82 17.93 0.61
C LYS A 221 6.37 19.11 -0.25
N LYS A 222 7.27 19.62 -1.10
CA LYS A 222 6.91 20.71 -1.99
C LYS A 222 5.81 20.30 -2.97
N LEU A 223 5.81 19.02 -3.39
CA LEU A 223 4.81 18.56 -4.33
C LEU A 223 3.41 18.59 -3.73
N LEU A 224 3.29 18.16 -2.47
CA LEU A 224 1.98 18.17 -1.82
C LEU A 224 1.51 19.59 -1.52
N ILE A 225 2.45 20.50 -1.27
CA ILE A 225 2.09 21.89 -1.00
C ILE A 225 1.50 22.54 -2.25
N ALA A 226 2.14 22.31 -3.39
CA ALA A 226 1.70 22.97 -4.63
C ALA A 226 0.32 22.50 -5.05
N VAL A 227 -0.02 21.24 -4.81
CA VAL A 227 -1.28 20.69 -5.29
C VAL A 227 -2.40 20.77 -4.25
N GLY A 228 -2.09 21.15 -3.03
CA GLY A 228 -3.11 21.42 -2.03
C GLY A 228 -3.45 20.30 -1.08
N ILE A 229 -2.53 19.37 -0.82
CA ILE A 229 -2.76 18.35 0.20
C ILE A 229 -2.33 18.84 1.57
N ILE A 230 -1.20 19.52 1.65
CA ILE A 230 -0.74 20.17 2.89
C ILE A 230 -0.28 21.58 2.54
N ASP A 231 -0.19 22.41 3.57
CA ASP A 231 0.27 23.78 3.41
C ASP A 231 1.72 23.91 3.88
N GLU A 232 2.22 25.15 3.92
CA GLU A 232 3.60 25.36 4.35
C GLU A 232 3.78 24.99 5.82
N ASP A 233 2.71 25.04 6.61
CA ASP A 233 2.74 24.57 7.98
C ASP A 233 2.39 23.09 8.10
N LEU A 234 2.33 22.38 6.98
CA LEU A 234 2.09 20.93 6.96
C LEU A 234 0.75 20.57 7.58
N VAL A 235 -0.27 21.37 7.28
CA VAL A 235 -1.62 21.13 7.77
C VAL A 235 -2.40 20.43 6.67
N LEU A 236 -2.93 19.24 6.98
CA LEU A 236 -3.68 18.47 6.01
C LEU A 236 -5.00 19.18 5.67
N ALA A 237 -5.41 19.06 4.42
CA ALA A 237 -6.72 19.57 4.03
C ALA A 237 -7.82 18.68 4.59
N SER A 238 -8.97 19.29 4.91
CA SER A 238 -10.04 18.55 5.55
C SER A 238 -10.51 17.37 4.71
N ALA A 239 -10.42 17.49 3.38
CA ALA A 239 -10.83 16.40 2.52
C ALA A 239 -9.92 15.19 2.66
N VAL A 240 -8.68 15.38 3.11
CA VAL A 240 -7.75 14.27 3.25
C VAL A 240 -8.06 13.47 4.51
N VAL A 241 -8.19 14.15 5.65
CA VAL A 241 -8.38 13.44 6.91
C VAL A 241 -9.73 12.73 6.96
N ARG A 242 -10.76 13.31 6.33
CA ARG A 242 -12.06 12.66 6.33
C ARG A 242 -12.09 11.46 5.40
N SER A 243 -11.34 11.52 4.29
CA SER A 243 -11.23 10.37 3.41
C SER A 243 -10.38 9.27 4.03
N ALA A 244 -9.41 9.65 4.86
CA ALA A 244 -8.57 8.65 5.52
C ALA A 244 -9.36 7.93 6.62
N GLU A 245 -10.13 8.67 7.41
CA GLU A 245 -10.93 8.02 8.45
C GLU A 245 -12.11 7.24 7.88
N LYS A 246 -12.59 7.61 6.69
CA LYS A 246 -13.55 6.76 5.99
C LYS A 246 -12.88 5.59 5.30
N TYR A 247 -11.56 5.63 5.12
CA TYR A 247 -10.83 4.46 4.67
C TYR A 247 -10.50 3.54 5.83
N ARG A 248 -10.07 4.10 6.96
CA ARG A 248 -9.79 3.29 8.14
C ARG A 248 -11.04 2.61 8.66
N ALA A 249 -12.21 3.21 8.42
CA ALA A 249 -13.46 2.57 8.81
C ALA A 249 -13.77 1.37 7.94
N LYS A 250 -13.41 1.41 6.66
CA LYS A 250 -13.64 0.28 5.77
C LYS A 250 -12.68 -0.87 6.06
N VAL A 251 -11.48 -0.56 6.54
CA VAL A 251 -10.51 -1.59 6.85
C VAL A 251 -10.61 -2.03 8.32
N GLY A 252 -11.04 -1.13 9.21
CA GLY A 252 -11.19 -1.47 10.61
C GLY A 252 -12.63 -1.78 11.00
N MET B 1 22.21 -2.46 17.91
CA MET B 1 21.75 -1.08 17.83
C MET B 1 20.67 -0.97 16.75
N GLY B 2 19.47 -0.58 17.16
CA GLY B 2 18.34 -0.54 16.25
C GLY B 2 17.60 0.79 16.32
N GLN B 3 16.97 1.14 15.19
CA GLN B 3 16.16 2.36 15.13
C GLN B 3 15.01 2.30 16.11
N VAL B 4 14.53 1.11 16.45
CA VAL B 4 13.42 0.92 17.38
C VAL B 4 13.80 -0.17 18.36
N GLN B 5 13.55 0.07 19.64
CA GLN B 5 13.92 -0.87 20.70
C GLN B 5 12.77 -1.00 21.69
N LEU B 6 12.37 -2.24 21.96
CA LEU B 6 11.23 -2.52 22.82
C LEU B 6 11.68 -3.31 24.05
N VAL B 7 11.14 -2.93 25.21
CA VAL B 7 11.44 -3.58 26.48
C VAL B 7 10.12 -3.84 27.19
N GLU B 8 9.75 -5.11 27.33
CA GLU B 8 8.55 -5.49 28.04
C GLU B 8 8.83 -5.70 29.52
N SER B 9 7.78 -5.55 30.34
CA SER B 9 7.90 -5.72 31.78
C SER B 9 6.57 -6.21 32.33
N GLY B 10 6.59 -6.61 33.60
CA GLY B 10 5.39 -6.98 34.32
C GLY B 10 5.06 -8.45 34.38
N GLY B 11 5.89 -9.31 33.78
CA GLY B 11 5.60 -10.74 33.78
C GLY B 11 5.95 -11.38 35.12
N GLY B 12 5.12 -12.34 35.52
CA GLY B 12 5.34 -13.02 36.78
C GLY B 12 4.42 -14.20 36.93
N SER B 13 4.51 -14.84 38.09
CA SER B 13 3.70 -16.00 38.42
C SER B 13 2.46 -15.56 39.20
N VAL B 14 1.29 -15.99 38.72
CA VAL B 14 0.01 -15.57 39.29
C VAL B 14 -0.95 -16.75 39.24
N GLN B 15 -1.65 -17.00 40.34
CA GLN B 15 -2.62 -18.10 40.40
C GLN B 15 -3.76 -17.85 39.41
N ALA B 16 -4.46 -18.94 39.06
CA ALA B 16 -5.58 -18.84 38.15
C ALA B 16 -6.66 -17.93 38.72
N GLY B 17 -7.22 -17.08 37.87
CA GLY B 17 -8.21 -16.10 38.29
C GLY B 17 -7.65 -14.76 38.69
N GLY B 18 -6.33 -14.60 38.72
CA GLY B 18 -5.72 -13.34 39.07
C GLY B 18 -5.56 -12.42 37.88
N SER B 19 -4.74 -11.37 38.06
CA SER B 19 -4.58 -10.35 37.00
C SER B 19 -3.25 -9.61 37.17
N LEU B 20 -2.50 -9.41 36.08
CA LEU B 20 -1.25 -8.60 36.15
C LEU B 20 -1.18 -7.64 34.96
N ARG B 21 -0.34 -6.60 35.05
CA ARG B 21 -0.28 -5.58 33.97
C ARG B 21 1.09 -5.60 33.30
N LEU B 22 1.13 -5.81 31.99
CA LEU B 22 2.37 -5.73 31.25
C LEU B 22 2.56 -4.34 30.67
N SER B 23 3.79 -3.86 30.71
CA SER B 23 4.16 -2.57 30.13
C SER B 23 5.31 -2.76 29.15
N CYS B 24 5.30 -1.96 28.08
CA CYS B 24 6.33 -2.02 27.06
C CYS B 24 6.80 -0.60 26.76
N ALA B 25 8.07 -0.33 27.05
CA ALA B 25 8.67 0.97 26.78
C ALA B 25 9.27 0.98 25.39
N ALA B 26 8.84 1.94 24.58
CA ALA B 26 9.34 2.09 23.21
C ALA B 26 10.43 3.16 23.17
N SER B 27 11.34 3.01 22.21
CA SER B 27 12.47 3.93 22.08
C SER B 27 12.92 3.96 20.63
N GLY B 28 12.91 5.13 20.02
CA GLY B 28 13.45 5.33 18.68
C GLY B 28 12.46 5.79 17.64
N ASP B 29 11.17 5.82 17.94
CA ASP B 29 10.16 6.26 16.98
C ASP B 29 8.83 6.56 17.66
N ARG B 33 2.55 6.31 16.08
CA ARG B 33 2.88 6.38 14.67
C ARG B 33 2.78 4.99 14.03
N TYR B 34 2.64 3.98 14.86
CA TYR B 34 2.55 2.61 14.40
C TYR B 34 1.45 1.89 15.16
N CYS B 35 1.03 0.74 14.61
CA CYS B 35 0.09 -0.13 15.30
C CYS B 35 0.88 -1.10 16.17
N MET B 36 0.53 -1.14 17.46
CA MET B 36 1.26 -1.89 18.47
C MET B 36 0.49 -3.16 18.82
N ALA B 37 1.18 -4.30 18.80
CA ALA B 37 0.55 -5.60 19.01
C ALA B 37 1.29 -6.39 20.06
N TRP B 38 0.53 -7.07 20.91
CA TRP B 38 1.07 -8.01 21.89
C TRP B 38 0.94 -9.43 21.37
N PHE B 39 2.05 -10.18 21.39
CA PHE B 39 2.06 -11.57 21.01
C PHE B 39 2.51 -12.42 22.18
N ARG B 40 2.10 -13.69 22.19
CA ARG B 40 2.49 -14.63 23.22
C ARG B 40 2.85 -15.95 22.56
N GLN B 41 3.78 -16.67 23.20
CA GLN B 41 4.20 -18.00 22.74
C GLN B 41 4.32 -18.91 23.96
N ALA B 42 3.41 -19.88 24.07
CA ALA B 42 3.54 -20.89 25.09
C ALA B 42 4.67 -21.85 24.72
N PRO B 43 5.29 -22.49 25.72
CA PRO B 43 6.36 -23.44 25.42
C PRO B 43 5.84 -24.60 24.56
N GLY B 44 6.55 -24.87 23.47
CA GLY B 44 6.19 -25.94 22.57
C GLY B 44 5.23 -25.54 21.46
N LYS B 45 4.35 -24.59 21.73
CA LYS B 45 3.38 -24.13 20.74
C LYS B 45 3.97 -22.98 19.92
N GLU B 46 3.22 -22.58 18.90
CA GLU B 46 3.63 -21.50 18.02
C GLU B 46 3.22 -20.16 18.61
N ARG B 47 4.01 -19.12 18.30
CA ARG B 47 3.70 -17.79 18.77
C ARG B 47 2.43 -17.29 18.10
N GLU B 48 1.52 -16.73 18.90
CA GLU B 48 0.23 -16.28 18.41
C GLU B 48 -0.01 -14.83 18.81
N GLY B 49 -0.92 -14.18 18.09
CA GLY B 49 -1.26 -12.79 18.38
C GLY B 49 -2.31 -12.71 19.48
N VAL B 50 -2.13 -11.73 20.36
CA VAL B 50 -3.02 -11.50 21.50
C VAL B 50 -3.90 -10.27 21.28
N ALA B 51 -3.27 -9.11 21.15
CA ALA B 51 -3.99 -7.85 21.04
C ALA B 51 -3.23 -6.92 20.10
N PHE B 52 -3.92 -5.87 19.65
CA PHE B 52 -3.26 -4.77 18.97
C PHE B 52 -4.21 -3.58 18.91
N ILE B 53 -3.61 -2.40 18.72
CA ILE B 53 -4.34 -1.15 18.59
C ILE B 53 -3.81 -0.41 17.37
N SER B 54 -4.67 0.38 16.74
CA SER B 54 -4.29 1.09 15.53
C SER B 54 -3.28 2.20 15.84
N THR B 55 -2.78 2.83 14.78
CA THR B 55 -1.82 3.92 14.94
C THR B 55 -2.46 5.12 15.63
N ALA B 56 -3.65 5.50 15.19
CA ALA B 56 -4.32 6.70 15.69
C ALA B 56 -5.09 6.46 16.98
N ASN B 57 -5.08 5.23 17.50
CA ASN B 57 -5.68 4.81 18.77
C ASN B 57 -7.19 4.65 18.67
N GLY B 58 -7.79 4.78 17.48
CA GLY B 58 -9.22 4.67 17.34
C GLY B 58 -9.73 3.24 17.37
N ARG B 59 -9.02 2.34 16.70
CA ARG B 59 -9.40 0.95 16.62
C ARG B 59 -8.47 0.09 17.46
N THR B 60 -9.04 -0.86 18.18
CA THR B 60 -8.27 -1.85 18.94
C THR B 60 -8.93 -3.21 18.76
N ASP B 61 -8.11 -4.26 18.69
CA ASP B 61 -8.60 -5.60 18.42
C ASP B 61 -7.84 -6.61 19.26
N TYR B 62 -8.57 -7.62 19.74
CA TYR B 62 -8.03 -8.70 20.55
C TYR B 62 -8.32 -10.03 19.89
N VAL B 63 -7.45 -11.00 20.14
CA VAL B 63 -7.70 -12.34 19.62
C VAL B 63 -8.90 -12.95 20.34
N ASP B 64 -9.52 -13.94 19.69
CA ASP B 64 -10.81 -14.43 20.16
C ASP B 64 -10.71 -15.13 21.51
N SER B 65 -9.56 -15.72 21.84
CA SER B 65 -9.46 -16.49 23.07
C SER B 65 -9.47 -15.59 24.30
N VAL B 66 -8.92 -14.38 24.20
CA VAL B 66 -8.74 -13.51 25.35
C VAL B 66 -9.62 -12.26 25.26
N LYS B 67 -10.52 -12.20 24.29
CA LYS B 67 -11.34 -11.02 24.11
C LYS B 67 -12.21 -10.77 25.33
N GLY B 68 -12.30 -9.50 25.73
CA GLY B 68 -13.05 -9.13 26.92
C GLY B 68 -12.24 -9.25 28.19
N ARG B 69 -11.40 -10.29 28.28
CA ARG B 69 -10.57 -10.48 29.46
C ARG B 69 -9.35 -9.56 29.44
N PHE B 70 -8.73 -9.39 28.28
CA PHE B 70 -7.53 -8.57 28.15
C PHE B 70 -7.90 -7.18 27.65
N THR B 71 -7.05 -6.21 27.99
CA THR B 71 -7.24 -4.82 27.59
C THR B 71 -5.89 -4.22 27.24
N ILE B 72 -5.73 -3.80 25.98
CA ILE B 72 -4.54 -3.13 25.51
C ILE B 72 -4.79 -1.64 25.49
N SER B 73 -3.76 -0.86 25.82
CA SER B 73 -3.86 0.59 25.85
C SER B 73 -2.46 1.17 25.71
N GLN B 74 -2.38 2.49 25.61
CA GLN B 74 -1.10 3.16 25.47
C GLN B 74 -1.21 4.57 26.03
N ASN B 75 -0.10 5.04 26.59
CA ASN B 75 0.03 6.43 27.05
C ASN B 75 0.90 7.15 26.03
N SER B 76 0.27 7.95 25.17
CA SER B 76 1.00 8.63 24.10
C SER B 76 2.06 9.57 24.66
N ALA B 77 1.88 10.04 25.89
CA ALA B 77 2.88 10.92 26.51
C ALA B 77 4.14 10.14 26.87
N LYS B 78 3.99 9.09 27.66
CA LYS B 78 5.14 8.30 28.11
C LYS B 78 5.67 7.34 27.05
N ASN B 79 5.01 7.26 25.89
CA ASN B 79 5.44 6.38 24.80
C ASN B 79 5.57 4.93 25.29
N THR B 80 4.52 4.45 25.94
CA THR B 80 4.50 3.11 26.52
C THR B 80 3.18 2.43 26.18
N VAL B 81 3.25 1.11 26.03
CA VAL B 81 2.08 0.29 25.72
C VAL B 81 1.83 -0.66 26.89
N TYR B 82 0.57 -0.77 27.30
CA TYR B 82 0.18 -1.64 28.40
C TYR B 82 -0.71 -2.76 27.90
N LEU B 83 -0.70 -3.88 28.64
CA LEU B 83 -1.55 -5.03 28.38
C LEU B 83 -2.16 -5.48 29.70
N GLN B 84 -3.37 -5.00 29.98
CA GLN B 84 -4.09 -5.39 31.19
C GLN B 84 -4.73 -6.75 30.95
N MET B 85 -4.29 -7.75 31.70
CA MET B 85 -4.78 -9.13 31.57
C MET B 85 -5.52 -9.51 32.84
N ASN B 86 -6.82 -9.71 32.72
CA ASN B 86 -7.66 -10.11 33.85
C ASN B 86 -8.22 -11.51 33.60
N SER B 87 -8.52 -12.20 34.71
CA SER B 87 -9.04 -13.57 34.67
C SER B 87 -8.09 -14.50 33.92
N LEU B 88 -6.84 -14.52 34.40
CA LEU B 88 -5.82 -15.36 33.78
C LEU B 88 -6.18 -16.84 33.96
N LYS B 89 -5.88 -17.62 32.93
CA LYS B 89 -6.10 -19.06 32.91
C LYS B 89 -4.77 -19.77 32.75
N PRO B 90 -4.69 -21.06 33.11
CA PRO B 90 -3.45 -21.81 32.89
C PRO B 90 -3.00 -21.82 31.44
N GLU B 91 -3.92 -21.70 30.49
CA GLU B 91 -3.55 -21.67 29.08
C GLU B 91 -2.88 -20.36 28.68
N ASP B 92 -3.01 -19.31 29.50
CA ASP B 92 -2.36 -18.04 29.22
C ASP B 92 -0.88 -18.04 29.58
N THR B 93 -0.37 -19.13 30.15
CA THR B 93 1.04 -19.22 30.51
C THR B 93 1.91 -19.20 29.26
N ALA B 94 2.59 -18.08 29.02
CA ALA B 94 3.39 -17.91 27.82
C ALA B 94 4.32 -16.73 28.02
N MET B 95 5.24 -16.55 27.07
CA MET B 95 6.10 -15.37 27.00
C MET B 95 5.47 -14.35 26.08
N TYR B 96 5.31 -13.13 26.58
CA TYR B 96 4.56 -12.09 25.89
C TYR B 96 5.54 -11.09 25.26
N TYR B 97 5.30 -10.78 23.98
CA TYR B 97 6.17 -9.90 23.21
C TYR B 97 5.36 -8.75 22.62
N CYS B 98 6.09 -7.74 22.14
CA CYS B 98 5.51 -6.56 21.52
C CYS B 98 6.08 -6.38 20.12
N ALA B 99 5.29 -5.78 19.23
CA ALA B 99 5.70 -5.60 17.84
C ALA B 99 5.20 -4.25 17.32
N SER B 100 5.81 -3.83 16.21
CA SER B 100 5.44 -2.59 15.53
C SER B 100 5.82 -2.71 14.06
N ARG B 101 5.19 -3.64 13.36
CA ARG B 101 5.49 -3.91 11.97
C ARG B 101 4.69 -2.98 11.06
N GLY B 102 5.05 -3.01 9.78
CA GLY B 102 4.53 -2.26 8.66
C GLY B 102 4.30 -0.81 9.00
N TYR B 103 3.30 -0.24 8.32
CA TYR B 103 2.90 1.14 8.50
C TYR B 103 1.42 1.23 8.17
N GLY B 104 0.95 2.44 7.86
CA GLY B 104 -0.47 2.62 7.58
C GLY B 104 -0.89 1.95 6.29
N TYR B 105 -2.12 1.42 6.29
CA TYR B 105 -2.91 0.82 5.20
C TYR B 105 -3.78 -0.30 5.72
N LEU B 106 -3.13 -1.34 6.24
CA LEU B 106 -3.91 -2.46 6.84
C LEU B 106 -3.99 -2.28 8.36
N SER B 107 -4.21 -3.35 9.11
CA SER B 107 -4.40 -3.26 10.55
C SER B 107 -3.92 -4.54 11.24
N CYS B 108 -3.92 -5.66 10.51
CA CYS B 108 -3.59 -6.97 11.06
C CYS B 108 -2.47 -7.60 10.23
N SER B 109 -1.27 -7.01 10.29
CA SER B 109 -0.10 -7.66 9.74
C SER B 109 0.27 -8.88 10.58
N SER B 110 1.15 -9.72 10.03
CA SER B 110 1.56 -10.93 10.72
C SER B 110 3.06 -11.10 10.61
N TYR B 111 3.69 -11.54 11.70
CA TYR B 111 5.12 -11.79 11.76
C TYR B 111 5.94 -10.58 11.30
N ASN B 117 10.25 -4.77 10.73
CA ASN B 117 9.62 -5.28 11.95
C ASN B 117 10.59 -5.24 13.12
N TYR B 118 10.08 -4.89 14.30
CA TYR B 118 10.89 -4.78 15.50
C TYR B 118 10.20 -5.51 16.65
N TRP B 119 11.00 -6.20 17.46
CA TRP B 119 10.49 -7.00 18.57
C TRP B 119 11.29 -6.70 19.83
N GLY B 120 10.68 -7.01 20.97
CA GLY B 120 11.34 -6.92 22.26
C GLY B 120 11.90 -8.26 22.70
N GLN B 121 12.42 -8.26 23.94
CA GLN B 121 12.98 -9.49 24.49
C GLN B 121 11.90 -10.42 25.01
N GLY B 122 10.75 -9.88 25.39
CA GLY B 122 9.66 -10.67 25.91
C GLY B 122 9.69 -10.78 27.43
N THR B 123 8.54 -11.17 27.98
CA THR B 123 8.41 -11.39 29.42
C THR B 123 7.52 -12.61 29.63
N GLN B 124 7.83 -13.39 30.67
CA GLN B 124 7.18 -14.66 30.92
C GLN B 124 6.14 -14.51 32.02
N VAL B 125 4.96 -15.09 31.80
CA VAL B 125 3.93 -15.20 32.82
C VAL B 125 3.60 -16.67 33.00
N THR B 126 3.32 -17.07 34.24
CA THR B 126 3.02 -18.45 34.58
C THR B 126 1.74 -18.48 35.41
N VAL B 127 0.81 -19.34 35.02
CA VAL B 127 -0.45 -19.47 35.75
C VAL B 127 -0.67 -20.91 36.18
#